data_3X3B
#
_entry.id   3X3B
#
_cell.length_a   40.582
_cell.length_b   81.544
_cell.length_c   233.775
_cell.angle_alpha   90.00
_cell.angle_beta   90.00
_cell.angle_gamma   90.00
#
_symmetry.space_group_name_H-M   'I 2 2 2'
#
loop_
_entity.id
_entity.type
_entity.pdbx_description
1 polymer 'Sodium pumping rhodopsin'
2 non-polymer RETINAL
3 non-polymer 'OLEIC ACID'
4 non-polymer DI(HYDROXYETHYL)ETHER
5 water water
#
_entity_poly.entity_id   1
_entity_poly.type   'polypeptide(L)'
_entity_poly.pdbx_seq_one_letter_code
;MTQELGNANFENFIGATEGFSEIAYQFTSHILTLGYAVMLAGLLYFILTIKNVDKKFQMSNILSAVVMVSAFLLLYAQAQ
NWTSSFTFNEEVGRYFLDPSGDLFNNGYRYLNWLIDVPMLLFQILFVVSLTTSKFSSVRNQFWFSGAMMIITGYIGQFYE
VSNLTAFLVWGAISSAFFFHILWVMKKVINEGKEGISPAGQKILSNIWILFLISWTLYPGAYLMPYLTGVDGFLYSEDGV
MARQLVYTIADVSSKVIYGVLLGNLAITLSKNKELENLYFQSGSHHHHHH
;
_entity_poly.pdbx_strand_id   A
#
loop_
_chem_comp.id
_chem_comp.type
_chem_comp.name
_chem_comp.formula
OLA non-polymer 'OLEIC ACID' 'C18 H34 O2'
PEG non-polymer DI(HYDROXYETHYL)ETHER 'C4 H10 O3'
RET non-polymer RETINAL 'C20 H28 O'
#
# COMPACT_ATOMS: atom_id res chain seq x y z
N LEU A 5 26.54 -4.41 7.40
CA LEU A 5 25.53 -4.07 8.41
C LEU A 5 24.46 -3.09 7.89
N GLY A 6 24.89 -2.08 7.13
CA GLY A 6 23.96 -1.16 6.50
C GLY A 6 23.71 -1.54 5.04
N ASN A 7 23.80 -2.84 4.75
CA ASN A 7 23.73 -3.34 3.39
C ASN A 7 22.31 -3.63 2.88
N ALA A 8 21.44 -4.13 3.77
CA ALA A 8 20.10 -4.60 3.35
C ALA A 8 19.30 -3.53 2.62
N ASN A 9 19.12 -2.39 3.26
CA ASN A 9 18.26 -1.37 2.70
C ASN A 9 18.78 0.03 2.96
N PHE A 10 18.12 1.00 2.35
CA PHE A 10 18.55 2.38 2.45
C PHE A 10 18.37 2.94 3.86
N GLU A 11 17.39 2.41 4.59
CA GLU A 11 17.19 2.81 5.98
C GLU A 11 18.38 2.39 6.86
N ASN A 12 18.80 1.13 6.73
CA ASN A 12 19.95 0.68 7.49
C ASN A 12 21.19 1.44 7.05
N PHE A 13 21.38 1.56 5.73
CA PHE A 13 22.54 2.24 5.18
C PHE A 13 22.72 3.62 5.78
N ILE A 14 21.64 4.39 5.77
CA ILE A 14 21.66 5.70 6.40
C ILE A 14 21.93 5.54 7.88
N GLY A 15 21.16 4.68 8.53
CA GLY A 15 21.29 4.44 9.96
C GLY A 15 22.70 4.04 10.40
N ALA A 16 23.43 3.36 9.54
CA ALA A 16 24.75 2.86 9.87
C ALA A 16 25.85 3.87 9.53
N THR A 17 25.51 4.93 8.82
CA THR A 17 26.52 5.86 8.36
C THR A 17 26.32 7.26 8.91
N GLU A 18 25.27 7.96 8.47
CA GLU A 18 25.00 9.31 8.95
C GLU A 18 24.20 9.31 10.24
N GLY A 19 23.50 8.22 10.51
CA GLY A 19 22.55 8.18 11.60
C GLY A 19 21.30 9.03 11.28
N PHE A 20 20.30 8.95 12.15
CA PHE A 20 19.11 9.77 11.98
C PHE A 20 19.05 10.83 13.06
N SER A 21 18.65 12.04 12.67
CA SER A 21 18.32 13.09 13.62
C SER A 21 17.14 12.65 14.48
N GLU A 22 16.98 13.30 15.62
CA GLU A 22 15.87 13.01 16.50
C GLU A 22 14.54 13.32 15.81
N ILE A 23 14.52 14.33 14.96
CA ILE A 23 13.32 14.68 14.23
C ILE A 23 12.93 13.53 13.30
N ALA A 24 13.88 13.13 12.46
CA ALA A 24 13.67 12.05 11.50
C ALA A 24 13.19 10.75 12.16
N TYR A 25 13.89 10.36 13.22
CA TYR A 25 13.61 9.13 13.95
C TYR A 25 12.22 9.16 14.56
N GLN A 26 11.90 10.28 15.20
CA GLN A 26 10.62 10.43 15.86
C GLN A 26 9.48 10.59 14.86
N PHE A 27 9.72 11.30 13.77
CA PHE A 27 8.69 11.53 12.77
C PHE A 27 8.31 10.23 12.11
N THR A 28 9.33 9.48 11.70
CA THR A 28 9.12 8.21 11.01
C THR A 28 8.42 7.23 11.92
N SER A 29 8.83 7.23 13.18
CA SER A 29 8.16 6.40 14.18
C SER A 29 6.68 6.79 14.32
N HIS A 30 6.40 8.09 14.36
CA HIS A 30 5.04 8.57 14.57
C HIS A 30 4.12 8.22 13.41
N ILE A 31 4.65 8.36 12.19
CA ILE A 31 3.87 8.13 11.01
C ILE A 31 3.54 6.63 10.87
N LEU A 32 4.47 5.75 11.26
CA LEU A 32 4.21 4.31 11.18
C LEU A 32 3.18 3.88 12.21
N THR A 33 3.21 4.52 13.38
CA THR A 33 2.21 4.27 14.41
C THR A 33 0.83 4.72 13.95
N LEU A 34 0.74 5.92 13.40
CA LEU A 34 -0.52 6.41 12.84
C LEU A 34 -1.09 5.43 11.82
N GLY A 35 -0.21 4.94 10.96
CA GLY A 35 -0.57 3.92 9.98
C GLY A 35 -1.29 2.73 10.57
N TYR A 36 -0.66 2.03 11.52
CA TYR A 36 -1.33 0.84 12.05
C TYR A 36 -2.57 1.20 12.87
N ALA A 37 -2.57 2.36 13.50
CA ALA A 37 -3.72 2.80 14.29
C ALA A 37 -4.97 2.98 13.41
N VAL A 38 -4.79 3.58 12.23
CA VAL A 38 -5.87 3.84 11.30
C VAL A 38 -6.45 2.50 10.84
N MET A 39 -5.58 1.52 10.60
CA MET A 39 -6.01 0.18 10.19
C MET A 39 -6.95 -0.47 11.22
N LEU A 40 -6.59 -0.35 12.49
CA LEU A 40 -7.40 -0.90 13.57
C LEU A 40 -8.76 -0.21 13.59
N ALA A 41 -8.74 1.12 13.51
CA ALA A 41 -9.98 1.89 13.42
C ALA A 41 -10.84 1.41 12.23
N GLY A 42 -10.18 1.17 11.10
CA GLY A 42 -10.88 0.75 9.90
C GLY A 42 -11.49 -0.63 10.02
N LEU A 43 -10.75 -1.53 10.65
CA LEU A 43 -11.23 -2.85 10.95
C LEU A 43 -12.59 -2.76 11.64
N LEU A 44 -12.68 -1.93 12.67
CA LEU A 44 -13.91 -1.80 13.41
C LEU A 44 -15.02 -1.16 12.58
N TYR A 45 -14.65 -0.16 11.78
CA TYR A 45 -15.59 0.48 10.89
C TYR A 45 -16.25 -0.56 9.97
N PHE A 46 -15.42 -1.39 9.35
CA PHE A 46 -15.89 -2.34 8.36
C PHE A 46 -16.68 -3.48 9.00
N ILE A 47 -16.29 -3.87 10.21
CA ILE A 47 -17.13 -4.81 10.94
C ILE A 47 -18.53 -4.24 11.23
N LEU A 48 -18.56 -3.06 11.85
CA LEU A 48 -19.79 -2.45 12.34
C LEU A 48 -20.81 -2.12 11.26
N THR A 49 -20.34 -1.73 10.07
CA THR A 49 -21.21 -1.25 9.01
C THR A 49 -21.62 -2.34 8.03
N ILE A 50 -21.24 -3.57 8.29
CA ILE A 50 -21.49 -4.61 7.30
C ILE A 50 -22.99 -4.78 7.04
N LYS A 51 -23.83 -4.52 8.04
CA LYS A 51 -25.27 -4.69 7.84
C LYS A 51 -25.86 -3.55 7.00
N ASN A 52 -25.07 -2.52 6.71
CA ASN A 52 -25.55 -1.41 5.93
C ASN A 52 -25.65 -1.70 4.43
N VAL A 53 -25.16 -2.85 3.98
CA VAL A 53 -25.25 -3.18 2.57
C VAL A 53 -25.96 -4.52 2.43
N ASP A 54 -26.55 -4.76 1.26
CA ASP A 54 -27.21 -6.02 0.98
C ASP A 54 -26.26 -7.21 0.99
N LYS A 55 -26.81 -8.38 1.32
CA LYS A 55 -26.08 -9.64 1.40
C LYS A 55 -25.15 -9.86 0.22
N LYS A 56 -25.66 -9.56 -0.98
CA LYS A 56 -24.91 -9.84 -2.19
C LYS A 56 -23.63 -9.04 -2.31
N PHE A 57 -23.51 -7.93 -1.59
CA PHE A 57 -22.31 -7.10 -1.64
C PHE A 57 -21.34 -7.35 -0.48
N GLN A 58 -21.74 -8.16 0.50
CA GLN A 58 -21.03 -8.21 1.78
C GLN A 58 -19.63 -8.83 1.72
N MET A 59 -19.34 -9.57 0.66
CA MET A 59 -18.01 -10.12 0.46
C MET A 59 -16.98 -9.00 0.36
N SER A 60 -17.41 -7.83 -0.13
CA SER A 60 -16.51 -6.68 -0.20
C SER A 60 -16.15 -6.12 1.20
N ASN A 61 -17.16 -5.98 2.06
CA ASN A 61 -16.93 -5.63 3.45
C ASN A 61 -16.04 -6.66 4.12
N ILE A 62 -16.24 -7.93 3.77
CA ILE A 62 -15.49 -9.02 4.39
C ILE A 62 -14.03 -8.92 4.00
N LEU A 63 -13.77 -8.76 2.72
CA LEU A 63 -12.40 -8.60 2.26
C LEU A 63 -11.75 -7.33 2.85
N SER A 64 -12.52 -6.26 3.03
CA SER A 64 -11.99 -5.03 3.66
C SER A 64 -11.52 -5.32 5.08
N ALA A 65 -12.38 -5.97 5.85
CA ALA A 65 -12.06 -6.31 7.25
C ALA A 65 -10.77 -7.13 7.34
N VAL A 66 -10.66 -8.15 6.49
CA VAL A 66 -9.49 -9.03 6.49
C VAL A 66 -8.22 -8.27 6.13
N VAL A 67 -8.30 -7.40 5.12
CA VAL A 67 -7.22 -6.52 4.72
C VAL A 67 -6.79 -5.69 5.93
N MET A 68 -7.76 -5.10 6.63
CA MET A 68 -7.51 -4.39 7.88
C MET A 68 -6.77 -5.21 8.92
N VAL A 69 -7.18 -6.47 9.10
CA VAL A 69 -6.50 -7.37 10.05
C VAL A 69 -5.02 -7.53 9.68
N SER A 70 -4.76 -7.92 8.44
CA SER A 70 -3.39 -8.12 8.01
C SER A 70 -2.52 -6.84 8.04
N ALA A 71 -3.11 -5.70 7.66
CA ALA A 71 -2.38 -4.43 7.62
C ALA A 71 -2.09 -3.90 9.03
N PHE A 72 -3.05 -4.05 9.94
CA PHE A 72 -2.81 -3.69 11.33
C PHE A 72 -1.67 -4.52 11.91
N LEU A 73 -1.74 -5.83 11.72
CA LEU A 73 -0.74 -6.68 12.35
C LEU A 73 0.64 -6.44 11.77
N LEU A 74 0.74 -6.32 10.45
CA LEU A 74 2.05 -6.20 9.82
C LEU A 74 2.63 -4.77 9.93
N LEU A 75 1.75 -3.77 9.91
CA LEU A 75 2.23 -2.40 10.07
C LEU A 75 2.61 -2.14 11.51
N TYR A 76 1.90 -2.79 12.43
CA TYR A 76 2.27 -2.69 13.82
C TYR A 76 3.68 -3.29 14.00
N ALA A 77 3.92 -4.48 13.44
CA ALA A 77 5.23 -5.11 13.51
C ALA A 77 6.29 -4.27 12.82
N GLN A 78 5.90 -3.56 11.76
CA GLN A 78 6.82 -2.67 11.08
C GLN A 78 7.18 -1.49 11.97
N ALA A 79 6.16 -0.95 12.64
CA ALA A 79 6.38 0.18 13.50
C ALA A 79 7.37 -0.16 14.62
N GLN A 80 7.28 -1.37 15.18
CA GLN A 80 8.17 -1.80 16.25
C GLN A 80 9.60 -2.07 15.74
N ASN A 81 9.68 -2.56 14.50
CA ASN A 81 10.95 -2.86 13.87
C ASN A 81 11.75 -1.60 13.63
N TRP A 82 11.07 -0.50 13.34
CA TRP A 82 11.74 0.79 13.16
C TRP A 82 12.34 1.27 14.46
N THR A 83 11.53 1.28 15.52
CA THR A 83 11.94 1.89 16.76
C THR A 83 13.02 1.08 17.43
N SER A 84 12.92 -0.23 17.35
CA SER A 84 13.85 -1.12 18.02
C SER A 84 15.16 -1.26 17.23
N SER A 85 15.19 -0.78 16.00
CA SER A 85 16.37 -0.99 15.16
C SER A 85 17.40 0.12 15.29
N PHE A 86 16.99 1.26 15.80
CA PHE A 86 17.89 2.39 15.90
C PHE A 86 17.93 2.92 17.33
N THR A 87 19.15 3.15 17.84
CA THR A 87 19.35 3.65 19.20
C THR A 87 20.12 4.95 19.22
N PHE A 88 19.92 5.72 20.28
CA PHE A 88 20.50 7.03 20.40
C PHE A 88 21.96 6.97 20.84
N ASN A 89 22.83 7.72 20.18
CA ASN A 89 24.22 7.88 20.66
C ASN A 89 24.44 9.27 21.25
N GLU A 90 24.70 9.33 22.55
CA GLU A 90 24.89 10.61 23.24
C GLU A 90 26.05 11.44 22.70
N GLU A 91 27.15 10.77 22.35
CA GLU A 91 28.35 11.43 21.84
C GLU A 91 28.07 12.31 20.61
N VAL A 92 27.26 11.79 19.68
CA VAL A 92 26.94 12.52 18.45
C VAL A 92 25.52 13.08 18.47
N GLY A 93 24.66 12.49 19.29
CA GLY A 93 23.29 12.97 19.43
C GLY A 93 22.34 12.55 18.31
N ARG A 94 22.67 11.47 17.61
CA ARG A 94 21.81 10.93 16.56
C ARG A 94 21.51 9.47 16.81
N TYR A 95 20.49 8.95 16.12
CA TYR A 95 20.14 7.54 16.20
C TYR A 95 20.90 6.71 15.17
N PHE A 96 21.53 5.63 15.62
CA PHE A 96 22.25 4.75 14.70
C PHE A 96 21.74 3.32 14.69
N LEU A 97 21.99 2.63 13.59
CA LEU A 97 21.69 1.21 13.49
C LEU A 97 22.23 0.48 14.73
N ASP A 98 21.38 -0.33 15.34
CA ASP A 98 21.73 -1.08 16.55
C ASP A 98 22.12 -2.53 16.26
N PRO A 99 23.41 -2.85 16.40
CA PRO A 99 23.94 -4.20 16.17
C PRO A 99 23.23 -5.26 17.01
N SER A 100 22.69 -4.85 18.16
CA SER A 100 21.97 -5.77 19.03
C SER A 100 20.47 -5.86 18.66
N GLY A 101 20.04 -5.00 17.73
CA GLY A 101 18.70 -5.06 17.21
C GLY A 101 18.65 -6.03 16.05
N ASP A 102 17.50 -6.13 15.39
CA ASP A 102 17.37 -7.06 14.28
C ASP A 102 17.55 -6.37 12.94
N LEU A 103 17.77 -5.05 12.97
CA LEU A 103 17.95 -4.21 11.78
C LEU A 103 16.61 -3.97 11.06
N PHE A 104 16.46 -2.80 10.42
CA PHE A 104 15.23 -2.49 9.70
C PHE A 104 14.99 -3.48 8.55
N ASN A 105 13.78 -4.02 8.49
CA ASN A 105 13.46 -5.07 7.54
C ASN A 105 12.20 -4.74 6.75
N ASN A 106 12.34 -4.63 5.42
CA ASN A 106 11.23 -4.38 4.49
C ASN A 106 10.19 -5.50 4.40
N GLY A 107 10.51 -6.64 5.00
CA GLY A 107 9.71 -7.83 4.89
C GLY A 107 8.26 -7.69 5.33
N TYR A 108 8.03 -6.98 6.43
CA TYR A 108 6.67 -6.83 6.96
C TYR A 108 5.79 -6.14 5.91
N ARG A 109 6.29 -5.05 5.37
CA ARG A 109 5.54 -4.26 4.40
C ARG A 109 5.26 -5.03 3.10
N TYR A 110 6.27 -5.69 2.54
CA TYR A 110 6.09 -6.46 1.31
C TYR A 110 5.19 -7.69 1.49
N LEU A 111 5.25 -8.32 2.66
CA LEU A 111 4.33 -9.42 2.94
C LEU A 111 2.89 -8.90 2.95
N ASN A 112 2.69 -7.75 3.59
CA ASN A 112 1.39 -7.11 3.65
C ASN A 112 0.83 -6.84 2.26
N TRP A 113 1.69 -6.36 1.37
CA TRP A 113 1.36 -6.11 -0.02
C TRP A 113 0.99 -7.39 -0.76
N LEU A 114 1.76 -8.45 -0.52
CA LEU A 114 1.52 -9.74 -1.14
C LEU A 114 0.15 -10.27 -0.75
N ILE A 115 -0.20 -10.14 0.52
CA ILE A 115 -1.48 -10.60 1.03
C ILE A 115 -2.65 -9.71 0.58
N ASP A 116 -2.42 -8.39 0.58
CA ASP A 116 -3.51 -7.45 0.39
C ASP A 116 -3.82 -7.08 -1.05
N VAL A 117 -2.80 -6.97 -1.89
CA VAL A 117 -3.01 -6.63 -3.29
C VAL A 117 -4.08 -7.54 -3.96
N PRO A 118 -4.01 -8.88 -3.79
CA PRO A 118 -5.07 -9.68 -4.45
C PRO A 118 -6.47 -9.48 -3.86
N MET A 119 -6.58 -9.29 -2.56
CA MET A 119 -7.90 -9.05 -1.96
C MET A 119 -8.51 -7.71 -2.41
N LEU A 120 -7.69 -6.67 -2.48
CA LEU A 120 -8.18 -5.34 -2.86
C LEU A 120 -8.71 -5.34 -4.28
N LEU A 121 -8.00 -6.02 -5.18
CA LEU A 121 -8.39 -6.08 -6.57
C LEU A 121 -9.65 -6.93 -6.67
N PHE A 122 -9.74 -7.91 -5.79
CA PHE A 122 -10.82 -8.88 -5.83
C PHE A 122 -12.14 -8.27 -5.42
N GLN A 123 -12.12 -7.39 -4.42
CA GLN A 123 -13.36 -7.02 -3.73
C GLN A 123 -14.29 -6.13 -4.55
N ILE A 124 -13.75 -5.39 -5.52
CA ILE A 124 -14.60 -4.54 -6.35
C ILE A 124 -15.48 -5.40 -7.30
N LEU A 125 -15.06 -6.64 -7.50
CA LEU A 125 -15.80 -7.55 -8.37
C LEU A 125 -17.04 -8.08 -7.66
N PHE A 126 -17.12 -7.89 -6.35
CA PHE A 126 -18.33 -8.27 -5.60
C PHE A 126 -19.26 -7.07 -5.37
N VAL A 127 -18.89 -5.89 -5.85
CA VAL A 127 -19.78 -4.74 -5.76
C VAL A 127 -20.31 -4.37 -7.14
N VAL A 128 -19.39 -4.09 -8.04
CA VAL A 128 -19.69 -3.76 -9.41
C VAL A 128 -20.07 -5.02 -10.20
N SER A 129 -20.92 -4.88 -11.21
CA SER A 129 -21.14 -5.99 -12.11
C SER A 129 -20.37 -5.80 -13.41
N LEU A 130 -19.80 -6.89 -13.92
CA LEU A 130 -19.09 -6.81 -15.20
C LEU A 130 -20.10 -6.85 -16.34
N THR A 131 -19.58 -6.69 -17.56
CA THR A 131 -20.44 -6.49 -18.69
C THR A 131 -20.04 -7.51 -19.80
N THR A 132 -18.95 -7.32 -20.53
CA THR A 132 -18.58 -8.24 -21.58
C THR A 132 -17.46 -9.19 -21.16
N SER A 133 -16.88 -8.93 -19.99
CA SER A 133 -15.75 -9.70 -19.45
C SER A 133 -16.18 -10.81 -18.50
N LYS A 134 -15.42 -11.88 -18.43
CA LYS A 134 -15.67 -12.93 -17.46
C LYS A 134 -15.05 -12.62 -16.10
N PHE A 135 -15.81 -12.90 -15.04
CA PHE A 135 -15.37 -12.75 -13.66
C PHE A 135 -14.05 -13.48 -13.41
N SER A 136 -14.00 -14.75 -13.81
CA SER A 136 -12.83 -15.60 -13.59
C SER A 136 -11.63 -15.07 -14.35
N SER A 137 -11.85 -14.48 -15.53
CA SER A 137 -10.73 -13.93 -16.30
C SER A 137 -10.15 -12.71 -15.61
N VAL A 138 -11.03 -11.81 -15.19
CA VAL A 138 -10.62 -10.61 -14.51
C VAL A 138 -9.90 -10.97 -13.22
N ARG A 139 -10.50 -11.87 -12.44
CA ARG A 139 -9.91 -12.33 -11.20
C ARG A 139 -8.52 -12.92 -11.43
N ASN A 140 -8.42 -13.92 -12.30
CA ASN A 140 -7.12 -14.56 -12.52
C ASN A 140 -6.05 -13.55 -12.95
N GLN A 141 -6.43 -12.57 -13.78
CA GLN A 141 -5.46 -11.64 -14.28
C GLN A 141 -4.95 -10.68 -13.20
N PHE A 142 -5.85 -10.22 -12.33
CA PHE A 142 -5.48 -9.39 -11.18
C PHE A 142 -4.50 -10.12 -10.29
N TRP A 143 -4.84 -11.36 -9.96
CA TRP A 143 -4.05 -12.16 -9.03
C TRP A 143 -2.67 -12.52 -9.56
N PHE A 144 -2.56 -12.86 -10.84
CA PHE A 144 -1.25 -13.18 -11.39
C PHE A 144 -0.40 -11.91 -11.45
N SER A 145 -0.92 -10.89 -12.16
CA SER A 145 -0.17 -9.65 -12.29
C SER A 145 0.14 -9.00 -10.94
N GLY A 146 -0.77 -9.11 -9.99
CA GLY A 146 -0.59 -8.53 -8.67
C GLY A 146 0.52 -9.25 -7.91
N ALA A 147 0.54 -10.58 -8.03
CA ALA A 147 1.53 -11.43 -7.38
C ALA A 147 2.92 -11.14 -7.91
N MET A 148 3.01 -11.07 -9.25
CA MET A 148 4.26 -10.79 -9.93
C MET A 148 4.82 -9.40 -9.62
N MET A 149 3.94 -8.41 -9.53
CA MET A 149 4.35 -7.04 -9.23
C MET A 149 5.10 -6.93 -7.88
N ILE A 150 4.54 -7.56 -6.85
CA ILE A 150 5.14 -7.48 -5.53
C ILE A 150 6.40 -8.33 -5.49
N ILE A 151 6.33 -9.52 -6.10
CA ILE A 151 7.46 -10.43 -6.10
C ILE A 151 8.67 -9.78 -6.78
N THR A 152 8.46 -9.26 -7.99
CA THR A 152 9.53 -8.57 -8.70
C THR A 152 10.03 -7.35 -7.92
N GLY A 153 9.12 -6.53 -7.38
CA GLY A 153 9.52 -5.40 -6.57
C GLY A 153 10.34 -5.84 -5.36
N TYR A 154 10.00 -7.00 -4.82
CA TYR A 154 10.70 -7.51 -3.67
C TYR A 154 12.09 -8.01 -4.06
N ILE A 155 12.21 -8.53 -5.28
CA ILE A 155 13.52 -8.88 -5.80
C ILE A 155 14.39 -7.64 -5.93
N GLY A 156 13.86 -6.61 -6.58
CA GLY A 156 14.62 -5.39 -6.76
C GLY A 156 15.02 -4.76 -5.44
N GLN A 157 14.15 -4.91 -4.47
CA GLN A 157 14.31 -4.34 -3.15
C GLN A 157 15.61 -4.79 -2.46
N PHE A 158 16.17 -5.91 -2.88
CA PHE A 158 17.37 -6.43 -2.22
C PHE A 158 18.64 -5.76 -2.70
N TYR A 159 18.57 -5.12 -3.85
CA TYR A 159 19.75 -4.53 -4.47
C TYR A 159 19.78 -3.02 -4.41
N GLU A 160 18.93 -2.43 -3.57
CA GLU A 160 18.79 -0.99 -3.52
C GLU A 160 20.08 -0.30 -3.05
N VAL A 161 20.84 -0.98 -2.18
CA VAL A 161 22.12 -0.45 -1.73
C VAL A 161 23.25 -0.96 -2.63
N SER A 162 23.32 -2.28 -2.76
CA SER A 162 24.46 -2.92 -3.42
C SER A 162 24.48 -2.77 -4.95
N ASN A 163 23.31 -2.80 -5.59
CA ASN A 163 23.28 -2.75 -7.05
C ASN A 163 22.09 -1.92 -7.55
N LEU A 164 22.29 -0.61 -7.61
CA LEU A 164 21.21 0.30 -7.94
C LEU A 164 20.63 0.03 -9.34
N THR A 165 21.40 -0.62 -10.21
CA THR A 165 20.85 -0.91 -11.54
C THR A 165 19.88 -2.10 -11.47
N ALA A 166 20.22 -3.11 -10.68
CA ALA A 166 19.30 -4.24 -10.48
C ALA A 166 17.99 -3.76 -9.82
N PHE A 167 18.14 -2.83 -8.88
CA PHE A 167 17.04 -2.23 -8.14
C PHE A 167 16.02 -1.61 -9.09
N LEU A 168 16.50 -0.80 -10.03
CA LEU A 168 15.65 -0.11 -10.99
C LEU A 168 15.11 -1.03 -12.08
N VAL A 169 15.97 -1.92 -12.59
CA VAL A 169 15.58 -2.87 -13.63
C VAL A 169 14.45 -3.75 -13.14
N TRP A 170 14.55 -4.23 -11.90
CA TRP A 170 13.49 -5.06 -11.34
C TRP A 170 12.24 -4.23 -11.07
N GLY A 171 12.45 -3.03 -10.56
CA GLY A 171 11.37 -2.10 -10.32
C GLY A 171 10.66 -1.78 -11.61
N ALA A 172 11.42 -1.68 -12.70
CA ALA A 172 10.81 -1.47 -14.00
C ALA A 172 9.96 -2.67 -14.37
N ILE A 173 10.49 -3.87 -14.16
CA ILE A 173 9.75 -5.08 -14.46
C ILE A 173 8.45 -5.08 -13.67
N SER A 174 8.56 -4.73 -12.38
CA SER A 174 7.40 -4.62 -11.51
C SER A 174 6.38 -3.60 -12.04
N SER A 175 6.90 -2.49 -12.57
CA SER A 175 6.05 -1.45 -13.13
C SER A 175 5.30 -1.95 -14.37
N ALA A 176 5.84 -2.97 -15.04
CA ALA A 176 5.17 -3.55 -16.17
C ALA A 176 3.89 -4.29 -15.73
N PHE A 177 3.99 -5.03 -14.63
CA PHE A 177 2.82 -5.72 -14.13
C PHE A 177 1.79 -4.73 -13.60
N PHE A 178 2.28 -3.68 -12.94
CA PHE A 178 1.44 -2.60 -12.44
C PHE A 178 0.64 -1.91 -13.56
N PHE A 179 1.30 -1.66 -14.69
CA PHE A 179 0.64 -1.03 -15.82
C PHE A 179 -0.50 -1.92 -16.31
N HIS A 180 -0.28 -3.23 -16.27
CA HIS A 180 -1.27 -4.18 -16.72
C HIS A 180 -2.46 -4.23 -15.77
N ILE A 181 -2.18 -4.12 -14.48
CA ILE A 181 -3.25 -4.09 -13.49
C ILE A 181 -4.12 -2.84 -13.69
N LEU A 182 -3.48 -1.69 -13.93
CA LEU A 182 -4.21 -0.44 -14.16
C LEU A 182 -5.17 -0.62 -15.34
N TRP A 183 -4.66 -1.29 -16.37
CA TRP A 183 -5.40 -1.48 -17.61
C TRP A 183 -6.64 -2.35 -17.39
N VAL A 184 -6.50 -3.41 -16.59
CA VAL A 184 -7.64 -4.24 -16.26
C VAL A 184 -8.65 -3.48 -15.38
N MET A 185 -8.14 -2.74 -14.39
CA MET A 185 -9.01 -1.98 -13.49
C MET A 185 -9.84 -0.94 -14.27
N LYS A 186 -9.23 -0.34 -15.28
CA LYS A 186 -9.90 0.62 -16.14
C LYS A 186 -11.12 -0.02 -16.79
N LYS A 187 -10.92 -1.18 -17.40
CA LYS A 187 -12.01 -1.94 -18.01
C LYS A 187 -13.08 -2.32 -16.98
N VAL A 188 -12.63 -2.69 -15.78
CA VAL A 188 -13.56 -3.10 -14.72
C VAL A 188 -14.48 -1.95 -14.37
N ILE A 189 -13.89 -0.77 -14.15
CA ILE A 189 -14.65 0.37 -13.69
C ILE A 189 -15.62 0.89 -14.77
N ASN A 190 -15.15 0.98 -16.01
CA ASN A 190 -16.00 1.40 -17.11
C ASN A 190 -17.15 0.42 -17.37
N GLU A 191 -16.91 -0.90 -17.25
CA GLU A 191 -18.00 -1.87 -17.37
C GLU A 191 -18.97 -1.77 -16.18
N GLY A 192 -18.43 -1.44 -15.01
CA GLY A 192 -19.22 -1.33 -13.80
C GLY A 192 -20.12 -0.11 -13.79
N LYS A 193 -19.77 0.90 -14.59
CA LYS A 193 -20.61 2.10 -14.74
C LYS A 193 -21.86 1.89 -15.58
N GLU A 194 -21.86 0.86 -16.43
CA GLU A 194 -22.96 0.70 -17.36
C GLU A 194 -24.21 0.19 -16.68
N GLY A 195 -25.31 0.88 -16.93
CA GLY A 195 -26.60 0.50 -16.39
C GLY A 195 -26.96 1.08 -15.03
N ILE A 196 -25.97 1.43 -14.21
CA ILE A 196 -26.24 1.88 -12.83
C ILE A 196 -26.57 3.36 -12.73
N SER A 197 -27.13 3.74 -11.59
CA SER A 197 -27.53 5.13 -11.33
C SER A 197 -26.33 6.08 -11.46
N PRO A 198 -26.59 7.32 -11.90
CA PRO A 198 -25.54 8.35 -12.02
C PRO A 198 -24.81 8.60 -10.69
N ALA A 199 -25.50 8.40 -9.58
CA ALA A 199 -24.85 8.55 -8.29
C ALA A 199 -23.80 7.44 -8.10
N GLY A 200 -24.08 6.25 -8.60
CA GLY A 200 -23.13 5.16 -8.51
C GLY A 200 -21.99 5.34 -9.49
N GLN A 201 -22.30 5.89 -10.66
CA GLN A 201 -21.26 6.17 -11.65
C GLN A 201 -20.26 7.18 -11.12
N LYS A 202 -20.77 8.16 -10.37
CA LYS A 202 -19.95 9.22 -9.82
C LYS A 202 -18.97 8.65 -8.78
N ILE A 203 -19.48 7.81 -7.87
CA ILE A 203 -18.63 7.15 -6.90
C ILE A 203 -17.57 6.27 -7.60
N LEU A 204 -17.97 5.56 -8.65
CA LEU A 204 -17.01 4.76 -9.41
C LEU A 204 -15.89 5.61 -10.03
N SER A 205 -16.25 6.80 -10.49
CA SER A 205 -15.26 7.72 -11.05
C SER A 205 -14.28 8.13 -9.96
N ASN A 206 -14.79 8.37 -8.75
CA ASN A 206 -13.92 8.70 -7.63
C ASN A 206 -13.01 7.52 -7.28
N ILE A 207 -13.56 6.31 -7.34
CA ILE A 207 -12.75 5.14 -7.00
C ILE A 207 -11.59 4.98 -7.99
N TRP A 208 -11.86 5.21 -9.29
CA TRP A 208 -10.79 5.17 -10.28
C TRP A 208 -9.66 6.13 -9.94
N ILE A 209 -10.02 7.37 -9.59
CA ILE A 209 -9.02 8.39 -9.35
C ILE A 209 -8.21 8.06 -8.09
N LEU A 210 -8.90 7.69 -7.03
CA LEU A 210 -8.25 7.23 -5.82
C LEU A 210 -7.28 6.07 -6.12
N PHE A 211 -7.78 5.07 -6.84
CA PHE A 211 -6.99 3.87 -7.15
C PHE A 211 -5.75 4.23 -7.94
N LEU A 212 -5.94 5.02 -9.00
CA LEU A 212 -4.84 5.46 -9.84
C LEU A 212 -3.75 6.22 -9.07
N ILE A 213 -4.13 7.15 -8.23
CA ILE A 213 -3.15 7.93 -7.48
C ILE A 213 -2.49 7.12 -6.37
N SER A 214 -3.30 6.51 -5.52
CA SER A 214 -2.77 5.89 -4.32
C SER A 214 -1.86 4.71 -4.65
N TRP A 215 -2.15 4.01 -5.74
CA TRP A 215 -1.31 2.89 -6.13
C TRP A 215 -0.03 3.40 -6.81
N THR A 216 -0.12 4.53 -7.50
CA THR A 216 1.07 5.08 -8.12
C THR A 216 2.01 5.65 -7.04
N LEU A 217 1.48 5.94 -5.86
CA LEU A 217 2.33 6.39 -4.75
C LEU A 217 3.39 5.34 -4.35
N TYR A 218 3.09 4.06 -4.55
CA TYR A 218 4.01 3.03 -4.06
C TYR A 218 5.35 3.01 -4.83
N PRO A 219 5.30 2.96 -6.18
CA PRO A 219 6.59 3.11 -6.88
C PRO A 219 7.21 4.49 -6.65
N GLY A 220 6.39 5.47 -6.29
CA GLY A 220 6.93 6.79 -5.98
C GLY A 220 7.87 6.73 -4.79
N ALA A 221 7.42 6.06 -3.74
CA ALA A 221 8.16 5.96 -2.51
C ALA A 221 9.35 4.98 -2.66
N TYR A 222 9.17 3.98 -3.50
CA TYR A 222 10.26 3.06 -3.84
C TYR A 222 11.41 3.85 -4.46
N LEU A 223 11.09 4.75 -5.38
CA LEU A 223 12.10 5.57 -6.05
C LEU A 223 12.59 6.77 -5.23
N MET A 224 11.85 7.11 -4.17
CA MET A 224 12.03 8.37 -3.44
C MET A 224 13.49 8.85 -3.16
N PRO A 225 14.37 7.97 -2.66
CA PRO A 225 15.69 8.51 -2.27
C PRO A 225 16.58 8.91 -3.45
N TYR A 226 16.13 8.68 -4.68
CA TYR A 226 16.97 8.95 -5.83
C TYR A 226 16.32 9.92 -6.77
N LEU A 227 15.25 10.57 -6.32
CA LEU A 227 14.50 11.49 -7.17
C LEU A 227 15.24 12.80 -7.34
N THR A 228 16.31 12.98 -6.56
CA THR A 228 17.14 14.17 -6.63
C THR A 228 18.59 13.86 -7.01
N GLY A 229 18.87 12.60 -7.35
CA GLY A 229 20.20 12.23 -7.81
C GLY A 229 21.08 11.53 -6.78
N VAL A 230 22.35 11.32 -7.12
CA VAL A 230 23.27 10.57 -6.27
C VAL A 230 23.72 11.38 -5.05
N ASP A 231 23.77 12.70 -5.20
CA ASP A 231 24.17 13.57 -4.12
C ASP A 231 23.04 14.54 -3.79
N GLY A 232 21.84 14.23 -4.28
CA GLY A 232 20.68 15.09 -4.11
C GLY A 232 20.10 15.13 -2.70
N PHE A 233 19.32 16.16 -2.43
CA PHE A 233 18.67 16.37 -1.13
C PHE A 233 17.94 15.14 -0.55
N LEU A 234 17.24 14.39 -1.41
CA LEU A 234 16.51 13.22 -0.96
C LEU A 234 17.41 12.03 -0.63
N TYR A 235 18.64 12.02 -1.15
CA TYR A 235 19.58 10.93 -0.87
C TYR A 235 20.17 11.13 0.53
N SER A 236 19.32 10.89 1.53
CA SER A 236 19.56 11.27 2.93
C SER A 236 18.46 10.68 3.80
N GLU A 237 18.48 11.00 5.10
CA GLU A 237 17.38 10.67 6.00
C GLU A 237 16.06 11.34 5.60
N ASP A 238 16.14 12.38 4.78
CA ASP A 238 14.94 13.05 4.31
C ASP A 238 14.17 12.14 3.34
N GLY A 239 14.91 11.49 2.44
CA GLY A 239 14.35 10.45 1.60
C GLY A 239 13.66 9.32 2.36
N VAL A 240 14.23 8.93 3.50
CA VAL A 240 13.59 7.93 4.36
C VAL A 240 12.26 8.46 4.92
N MET A 241 12.27 9.68 5.44
CA MET A 241 11.06 10.28 5.99
C MET A 241 9.97 10.36 4.94
N ALA A 242 10.30 10.91 3.78
CA ALA A 242 9.37 11.04 2.67
C ALA A 242 8.83 9.70 2.23
N ARG A 243 9.73 8.74 1.99
CA ARG A 243 9.32 7.41 1.59
C ARG A 243 8.37 6.78 2.59
N GLN A 244 8.74 6.86 3.87
CA GLN A 244 7.89 6.23 4.88
C GLN A 244 6.54 6.92 4.98
N LEU A 245 6.53 8.24 4.77
CA LEU A 245 5.31 9.03 4.85
C LEU A 245 4.35 8.74 3.68
N VAL A 246 4.91 8.60 2.50
CA VAL A 246 4.16 8.32 1.29
C VAL A 246 3.54 6.93 1.35
N TYR A 247 4.35 5.93 1.71
CA TYR A 247 3.88 4.56 1.92
C TYR A 247 2.64 4.56 2.84
N THR A 248 2.71 5.34 3.90
CA THR A 248 1.61 5.37 4.86
C THR A 248 0.39 6.06 4.27
N ILE A 249 0.63 7.13 3.52
CA ILE A 249 -0.50 7.82 2.91
C ILE A 249 -1.16 6.87 1.93
N ALA A 250 -0.34 6.12 1.19
CA ALA A 250 -0.80 5.17 0.21
C ALA A 250 -1.61 4.02 0.84
N ASP A 251 -1.10 3.50 1.96
CA ASP A 251 -1.76 2.39 2.62
C ASP A 251 -3.16 2.79 3.07
N VAL A 252 -3.27 3.97 3.67
CA VAL A 252 -4.55 4.42 4.19
C VAL A 252 -5.55 4.68 3.06
N SER A 253 -5.03 5.17 1.94
CA SER A 253 -5.85 5.55 0.81
C SER A 253 -6.35 4.33 0.03
N SER A 254 -5.44 3.40 -0.23
CA SER A 254 -5.68 2.21 -1.04
C SER A 254 -6.45 1.13 -0.30
N LYS A 255 -6.42 1.18 1.03
CA LYS A 255 -7.10 0.17 1.82
C LYS A 255 -8.36 0.68 2.48
N VAL A 256 -8.21 1.70 3.33
CA VAL A 256 -9.33 2.25 4.09
C VAL A 256 -10.27 3.09 3.22
N ILE A 257 -9.74 4.08 2.53
CA ILE A 257 -10.61 4.98 1.77
C ILE A 257 -11.26 4.26 0.60
N TYR A 258 -10.47 3.47 -0.11
CA TYR A 258 -10.97 2.55 -1.14
C TYR A 258 -12.11 1.67 -0.61
N GLY A 259 -11.88 1.04 0.54
CA GLY A 259 -12.92 0.24 1.17
C GLY A 259 -14.20 1.01 1.49
N VAL A 260 -14.03 2.23 2.02
CA VAL A 260 -15.17 3.08 2.35
C VAL A 260 -16.00 3.44 1.11
N LEU A 261 -15.32 3.80 0.03
CA LEU A 261 -16.00 4.21 -1.18
C LEU A 261 -16.77 3.05 -1.81
N LEU A 262 -16.20 1.85 -1.79
CA LEU A 262 -16.88 0.65 -2.29
C LEU A 262 -18.12 0.36 -1.45
N GLY A 263 -17.98 0.53 -0.14
CA GLY A 263 -19.12 0.44 0.75
C GLY A 263 -20.21 1.42 0.35
N ASN A 264 -19.84 2.67 0.12
CA ASN A 264 -20.84 3.66 -0.28
C ASN A 264 -21.42 3.32 -1.64
N LEU A 265 -20.60 2.77 -2.52
CA LEU A 265 -21.05 2.39 -3.85
C LEU A 265 -22.08 1.26 -3.72
N ALA A 266 -21.78 0.29 -2.85
CA ALA A 266 -22.69 -0.83 -2.61
C ALA A 266 -24.07 -0.35 -2.18
N ILE A 267 -24.10 0.68 -1.32
CA ILE A 267 -25.35 1.15 -0.75
C ILE A 267 -26.22 1.81 -1.82
N THR A 268 -25.58 2.50 -2.74
CA THR A 268 -26.23 3.10 -3.90
C THR A 268 -26.92 2.06 -4.79
N LEU A 269 -26.33 0.87 -4.86
CA LEU A 269 -26.86 -0.22 -5.69
C LEU A 269 -27.88 -1.12 -4.95
N SER A 270 -28.40 -0.64 -3.83
CA SER A 270 -29.22 -1.47 -2.96
C SER A 270 -30.60 -1.80 -3.53
N LYS A 271 -31.18 -2.91 -3.07
CA LYS A 271 -32.46 -3.42 -3.54
C LYS A 271 -33.61 -2.40 -3.44
N ASN A 272 -33.67 -1.70 -2.31
CA ASN A 272 -34.70 -0.68 -2.09
C ASN A 272 -34.37 0.69 -2.71
N LYS A 273 -33.27 0.74 -3.47
CA LYS A 273 -32.97 1.92 -4.28
C LYS A 273 -33.65 1.79 -5.65
N GLU A 274 -34.06 0.57 -5.98
CA GLU A 274 -34.67 0.30 -7.27
C GLU A 274 -36.16 0.66 -7.27
N LEU A 275 -36.64 1.17 -8.39
CA LEU A 275 -38.04 1.60 -8.52
C LEU A 275 -39.02 0.50 -8.12
C1 RET B . 6.84 -1.62 -6.14
C2 RET B . 8.23 -1.70 -6.79
C3 RET B . 8.48 -0.63 -7.85
C4 RET B . 7.45 -0.74 -8.95
C5 RET B . 6.04 -0.90 -8.44
C6 RET B . 5.77 -1.25 -7.17
C7 RET B . 4.32 -1.23 -6.75
C8 RET B . 3.74 -1.52 -5.59
C9 RET B . 2.34 -1.45 -5.24
C10 RET B . 1.96 -1.76 -3.97
C11 RET B . 0.63 -1.73 -3.43
C12 RET B . 0.36 -2.04 -2.18
C13 RET B . -0.92 -1.93 -1.50
C14 RET B . -0.97 -2.14 -0.16
C15 RET B . -2.21 -2.03 0.56
C16 RET B . 6.91 -0.57 -5.02
C17 RET B . 6.55 -3.00 -5.51
C18 RET B . 5.00 -0.69 -9.51
C19 RET B . 1.37 -0.99 -6.29
C20 RET B . -2.13 -1.57 -2.31
C10 OLA C . -5.87 9.98 9.35
C11 OLA C . -6.50 9.39 8.11
C12 OLA C . -8.02 9.27 8.30
C13 OLA C . -8.57 8.18 7.40
C14 OLA C . -9.66 8.71 6.48
C15 OLA C . -10.43 7.53 5.87
C16 OLA C . -11.91 7.62 6.19
C17 OLA C . -12.61 8.65 5.31
C18 OLA C . -12.94 8.08 3.93
C10 OLA D . 23.98 -5.06 -13.50
C11 OLA D . 23.13 -6.30 -13.31
C12 OLA D . 21.66 -5.91 -13.29
C13 OLA D . 20.77 -7.14 -13.33
C14 OLA D . 19.29 -6.77 -13.45
C15 OLA D . 18.60 -7.58 -14.55
C16 OLA D . 17.64 -8.65 -14.02
C17 OLA D . 16.85 -9.26 -15.17
C18 OLA D . 15.75 -10.22 -14.70
C7 OLA E . -9.84 6.95 11.40
C8 OLA E . -10.31 6.39 10.06
C9 OLA E . -10.97 5.05 10.25
C10 OLA E . -12.22 4.73 9.50
C11 OLA E . -13.37 5.71 9.56
C12 OLA E . -14.30 5.56 8.36
C13 OLA E . -14.94 6.89 7.96
C14 OLA E . -16.45 6.74 7.68
C15 OLA E . -17.05 7.73 6.69
C16 OLA E . -18.56 7.54 6.64
C17 OLA E . -19.24 8.41 5.59
C18 OLA E . -19.41 7.71 4.24
C1 PEG F . -4.36 5.73 -16.72
O1 PEG F . -4.69 6.93 -17.27
C2 PEG F . -3.09 5.22 -17.32
O2 PEG F . -2.98 3.83 -17.11
C3 PEG F . -2.51 3.11 -18.27
C4 PEG F . -3.26 1.82 -18.43
O4 PEG F . -4.10 1.89 -19.57
#